data_9FIK
#
_entry.id   9FIK
#
_cell.length_a   69.746
_cell.length_b   108.549
_cell.length_c   208.217
_cell.angle_alpha   90.000
_cell.angle_beta   90.000
_cell.angle_gamma   90.000
#
_symmetry.space_group_name_H-M   'C 2 2 21'
#
loop_
_entity.id
_entity.type
_entity.pdbx_description
1 polymer Neurotrophin-3
2 polymer 'NTF30037 Heavy Chain'
3 polymer 'NTF30037 Light Chain'
4 non-polymer GLYCEROL
5 non-polymer DI(HYDROXYETHYL)ETHER
6 non-polymer 'SODIUM ION'
7 water water
#
loop_
_entity_poly.entity_id
_entity_poly.type
_entity_poly.pdbx_seq_one_letter_code
_entity_poly.pdbx_strand_id
1 'polypeptide(L)'
;YAEHKSHRGEYSVCDSESLWVTDKSSAIDIRGHQVTVLGEIKTGNSPVKQYFYETRCKEARPVKNGCRGIDDKHWNSQCK
TSQTYVRALTSENNKLVGWRWIRIDTSCVCALSRKIGRTE
;
A
2 'polypeptide(L)'
;EVQLVESGGGLVKPGGSLRLSCAASGFTFSNAWMNWVRQAPGKGLEWVGRIKSKTDGGTTDYAAPVKGRFTISRDDSKNT
LYLQMNSLKTEDTAVYYCTTSGGLLYGSPSFGDYYGYWMDYWGQGTTVTVSSASTKGPSVFPLAPSSKSTSGGTAALGCL
VKDYFPEPVTVSWNSGALTSGVHTFPAVLQSSGLYSLSSVVTVPSSSLGTQTYICNVNHKPSNTKVDKRVEPKSCDK
;
B
3 'polypeptide(L)'
;QSVLTQPPSVSVAPGQTARITCGGSSVGRKSVHWYQQSPGQAPVLVVYDDSDRPSGIPERFSGSNSGDTATLTISRVEVG
DEADYYCQVWDIDSDHVVFGGGTKVTVLGQPKAAPSVTLFPPSSEELQANKATLVCLISDFYPGAVTVAWKADSSPVKAG
VETTTPSKQSNNKYAASSYLSLTPEQWKSHRSYSCQVTHEGSTVEKTVAPTECS
;
C
#
loop_
_chem_comp.id
_chem_comp.type
_chem_comp.name
_chem_comp.formula
GOL non-polymer GLYCEROL 'C3 H8 O3'
NA non-polymer 'SODIUM ION' 'Na 1'
PEG non-polymer DI(HYDROXYETHYL)ETHER 'C4 H10 O3'
#
# COMPACT_ATOMS: atom_id res chain seq x y z
N TYR A 11 -17.51 -52.12 -18.02
CA TYR A 11 -16.45 -51.84 -18.99
C TYR A 11 -16.19 -50.33 -19.17
N SER A 12 -15.03 -50.01 -19.75
CA SER A 12 -14.68 -48.63 -20.08
C SER A 12 -14.24 -48.59 -21.52
N VAL A 13 -14.20 -47.38 -22.07
CA VAL A 13 -13.62 -47.24 -23.40
C VAL A 13 -12.12 -47.42 -23.33
N CYS A 14 -11.49 -47.04 -22.22
CA CYS A 14 -10.06 -47.21 -22.01
C CYS A 14 -9.79 -47.92 -20.69
N ASP A 15 -8.75 -48.74 -20.69
CA ASP A 15 -8.34 -49.51 -19.51
C ASP A 15 -7.18 -48.79 -18.83
N SER A 16 -7.33 -48.52 -17.55
CA SER A 16 -6.30 -47.81 -16.81
C SER A 16 -5.72 -48.70 -15.72
N GLU A 17 -4.56 -48.31 -15.21
CA GLU A 17 -3.95 -49.01 -14.09
C GLU A 17 -3.31 -48.01 -13.14
N SER A 18 -3.34 -48.34 -11.85
CA SER A 18 -2.90 -47.45 -10.80
C SER A 18 -1.66 -47.98 -10.10
N LEU A 19 -0.86 -47.07 -9.55
CA LEU A 19 0.35 -47.47 -8.84
C LEU A 19 0.76 -46.35 -7.88
N TRP A 20 1.47 -46.75 -6.83
CA TRP A 20 2.08 -45.82 -5.89
C TRP A 20 3.48 -45.50 -6.37
N VAL A 21 3.74 -44.25 -6.71
CA VAL A 21 5.03 -43.84 -7.25
C VAL A 21 5.89 -43.30 -6.12
N THR A 22 7.02 -43.95 -5.88
CA THR A 22 7.85 -43.67 -4.73
C THR A 22 9.22 -43.09 -5.09
N ASP A 23 9.54 -42.97 -6.38
CA ASP A 23 10.85 -42.53 -6.80
C ASP A 23 10.77 -41.34 -7.75
N LYS A 24 9.72 -40.53 -7.65
CA LYS A 24 9.62 -39.34 -8.49
C LYS A 24 10.67 -38.33 -8.06
N SER A 25 11.57 -37.97 -8.98
CA SER A 25 12.60 -36.99 -8.69
C SER A 25 12.45 -35.72 -9.49
N SER A 26 11.64 -35.72 -10.54
CA SER A 26 11.49 -34.56 -11.40
C SER A 26 10.05 -34.49 -11.88
N ALA A 27 9.62 -33.29 -12.26
CA ALA A 27 8.25 -33.11 -12.77
C ALA A 27 8.15 -31.75 -13.43
N ILE A 28 7.12 -31.60 -14.27
CA ILE A 28 6.78 -30.32 -14.88
C ILE A 28 5.77 -29.65 -13.96
N ASP A 29 6.00 -28.39 -13.62
CA ASP A 29 5.06 -27.69 -12.77
C ASP A 29 4.08 -26.84 -13.59
N ILE A 30 3.18 -26.17 -12.87
CA ILE A 30 2.11 -25.37 -13.46
C ILE A 30 2.66 -24.25 -14.32
N ARG A 31 3.90 -23.86 -14.12
CA ARG A 31 4.51 -22.87 -14.99
C ARG A 31 4.96 -23.47 -16.31
N GLY A 32 4.96 -24.80 -16.43
CA GLY A 32 5.56 -25.47 -17.55
C GLY A 32 7.05 -25.67 -17.41
N HIS A 33 7.61 -25.43 -16.23
CA HIS A 33 9.04 -25.59 -15.97
C HIS A 33 9.33 -26.95 -15.34
N GLN A 34 10.56 -27.43 -15.56
CA GLN A 34 11.04 -28.66 -14.92
C GLN A 34 11.55 -28.34 -13.52
N VAL A 35 11.01 -29.02 -12.51
CA VAL A 35 11.48 -28.83 -11.15
C VAL A 35 11.85 -30.20 -10.56
N THR A 36 12.65 -30.15 -9.48
CA THR A 36 13.01 -31.33 -8.69
C THR A 36 11.94 -31.59 -7.65
N VAL A 37 11.58 -32.86 -7.50
CA VAL A 37 10.62 -33.28 -6.49
C VAL A 37 11.40 -33.86 -5.32
N LEU A 38 11.17 -33.32 -4.12
CA LEU A 38 11.95 -33.78 -2.98
C LEU A 38 11.47 -35.15 -2.50
N GLY A 39 12.38 -35.84 -1.80
CA GLY A 39 12.09 -37.19 -1.34
C GLY A 39 11.15 -37.29 -0.16
N GLU A 40 11.11 -36.27 0.71
CA GLU A 40 10.29 -36.38 1.91
C GLU A 40 9.82 -35.00 2.38
N ILE A 41 8.91 -35.02 3.37
CA ILE A 41 8.20 -33.85 3.87
C ILE A 41 8.27 -33.87 5.40
N LYS A 42 8.06 -32.71 6.03
CA LYS A 42 7.91 -32.68 7.49
C LYS A 42 6.95 -31.58 7.94
N THR A 43 5.75 -31.98 8.39
N THR A 43 5.76 -31.98 8.41
CA THR A 43 4.81 -31.10 9.06
CA THR A 43 4.81 -31.08 9.06
C THR A 43 4.77 -31.31 10.56
C THR A 43 4.72 -31.31 10.57
N GLY A 44 4.77 -32.57 10.99
CA GLY A 44 4.69 -32.93 12.40
C GLY A 44 6.04 -33.31 12.98
N ASN A 45 6.02 -34.31 13.87
CA ASN A 45 7.19 -34.69 14.67
C ASN A 45 8.30 -35.30 13.83
N SER A 46 7.97 -36.04 12.78
CA SER A 46 8.92 -36.81 12.00
C SER A 46 8.59 -36.68 10.52
N PRO A 47 9.54 -36.97 9.64
CA PRO A 47 9.28 -36.78 8.21
C PRO A 47 8.48 -37.90 7.56
N VAL A 48 7.78 -37.54 6.51
CA VAL A 48 6.90 -38.42 5.76
C VAL A 48 7.45 -38.48 4.33
N LYS A 49 7.73 -39.68 3.81
CA LYS A 49 8.25 -39.75 2.46
C LYS A 49 7.19 -39.32 1.44
N GLN A 50 7.63 -38.64 0.38
CA GLN A 50 6.71 -38.00 -0.57
C GLN A 50 6.38 -39.00 -1.67
N TYR A 51 5.15 -39.50 -1.65
CA TYR A 51 4.68 -40.48 -2.61
C TYR A 51 3.52 -39.89 -3.39
N PHE A 52 3.22 -40.51 -4.52
CA PHE A 52 2.14 -40.04 -5.36
C PHE A 52 1.28 -41.22 -5.79
N TYR A 53 -0.02 -40.97 -5.94
CA TYR A 53 -0.92 -41.98 -6.47
C TYR A 53 -1.17 -41.64 -7.94
N GLU A 54 -0.72 -42.51 -8.83
CA GLU A 54 -0.86 -42.30 -10.27
C GLU A 54 -1.70 -43.36 -10.97
N THR A 55 -2.35 -42.90 -12.02
CA THR A 55 -3.20 -43.73 -12.86
C THR A 55 -2.87 -43.40 -14.30
N ARG A 56 -2.67 -44.44 -15.11
CA ARG A 56 -2.24 -44.28 -16.49
C ARG A 56 -2.95 -45.32 -17.34
N CYS A 57 -2.85 -45.17 -18.66
CA CYS A 57 -3.41 -46.15 -19.59
C CYS A 57 -2.63 -47.45 -19.56
N LYS A 58 -3.34 -48.58 -19.67
CA LYS A 58 -2.67 -49.85 -19.92
C LYS A 58 -2.06 -49.91 -21.31
N GLU A 59 -2.78 -49.42 -22.32
CA GLU A 59 -2.25 -49.33 -23.68
C GLU A 59 -3.10 -48.34 -24.46
N ALA A 60 -2.57 -47.93 -25.62
CA ALA A 60 -3.25 -46.93 -26.43
C ALA A 60 -4.43 -47.49 -27.21
N ARG A 61 -4.40 -48.77 -27.60
CA ARG A 61 -5.47 -49.39 -28.39
C ARG A 61 -5.95 -50.67 -27.72
N PRO A 62 -6.86 -50.55 -26.73
CA PRO A 62 -7.43 -51.75 -26.10
C PRO A 62 -8.14 -52.66 -27.09
N VAL A 63 -8.65 -52.11 -28.18
CA VAL A 63 -9.13 -52.90 -29.31
C VAL A 63 -8.33 -52.48 -30.55
N LYS A 64 -8.58 -53.19 -31.65
CA LYS A 64 -7.74 -53.04 -32.84
C LYS A 64 -7.70 -51.58 -33.31
N ASN A 65 -8.86 -50.94 -33.39
CA ASN A 65 -8.96 -49.60 -33.97
C ASN A 65 -8.92 -48.48 -32.92
N GLY A 66 -8.51 -48.77 -31.69
CA GLY A 66 -8.38 -47.72 -30.69
C GLY A 66 -9.15 -48.02 -29.42
N CYS A 67 -9.93 -47.06 -28.94
CA CYS A 67 -10.72 -47.27 -27.74
C CYS A 67 -11.85 -48.26 -27.99
N ARG A 68 -12.34 -48.84 -26.91
CA ARG A 68 -13.43 -49.80 -27.00
C ARG A 68 -14.76 -49.06 -27.09
N GLY A 69 -15.67 -49.59 -27.90
CA GLY A 69 -16.98 -48.98 -28.04
C GLY A 69 -17.09 -47.84 -29.03
N ILE A 70 -16.01 -47.49 -29.72
CA ILE A 70 -16.04 -46.37 -30.66
C ILE A 70 -16.64 -46.80 -31.98
N ASP A 71 -17.45 -45.91 -32.56
CA ASP A 71 -17.97 -46.07 -33.92
C ASP A 71 -16.85 -45.91 -34.93
N ASP A 72 -16.30 -47.05 -35.34
CA ASP A 72 -15.15 -47.12 -36.24
C ASP A 72 -15.35 -46.31 -37.51
N LYS A 73 -16.56 -46.36 -38.08
CA LYS A 73 -16.76 -45.78 -39.40
C LYS A 73 -16.59 -44.26 -39.40
N HIS A 74 -16.97 -43.58 -38.32
CA HIS A 74 -16.94 -42.13 -38.32
C HIS A 74 -15.80 -41.54 -37.50
N TRP A 75 -15.12 -42.35 -36.68
CA TRP A 75 -14.16 -41.80 -35.73
C TRP A 75 -12.87 -42.60 -35.66
N ASN A 76 -11.77 -41.87 -35.58
CA ASN A 76 -10.50 -42.39 -35.10
C ASN A 76 -10.43 -42.16 -33.60
N SER A 77 -9.77 -43.08 -32.90
CA SER A 77 -9.70 -42.97 -31.45
C SER A 77 -8.38 -43.53 -30.94
N GLN A 78 -8.07 -43.16 -29.70
CA GLN A 78 -6.84 -43.58 -29.05
C GLN A 78 -6.96 -43.28 -27.57
N CYS A 79 -6.51 -44.21 -26.73
CA CYS A 79 -6.48 -44.00 -25.30
C CYS A 79 -5.22 -43.23 -24.95
N LYS A 80 -5.35 -42.20 -24.12
CA LYS A 80 -4.22 -41.38 -23.72
C LYS A 80 -4.24 -41.14 -22.22
N THR A 81 -3.04 -41.13 -21.63
CA THR A 81 -2.88 -40.82 -20.23
C THR A 81 -3.06 -39.33 -20.02
N SER A 82 -3.98 -38.91 -19.15
CA SER A 82 -4.12 -37.50 -18.84
C SER A 82 -3.54 -37.21 -17.46
N GLN A 83 -3.17 -35.95 -17.26
CA GLN A 83 -2.46 -35.50 -16.07
C GLN A 83 -3.30 -34.47 -15.33
N THR A 84 -3.04 -34.36 -14.03
CA THR A 84 -3.68 -33.39 -13.16
C THR A 84 -2.60 -32.74 -12.32
N TYR A 85 -2.98 -31.69 -11.60
CA TYR A 85 -2.08 -30.99 -10.69
C TYR A 85 -2.25 -31.51 -9.28
N VAL A 86 -1.14 -31.76 -8.61
CA VAL A 86 -1.14 -31.99 -7.17
C VAL A 86 -0.02 -31.17 -6.57
N ARG A 87 -0.17 -30.79 -5.30
CA ARG A 87 0.87 -29.97 -4.71
C ARG A 87 2.00 -30.85 -4.21
N ALA A 88 3.24 -30.42 -4.44
CA ALA A 88 4.38 -31.24 -4.07
C ALA A 88 5.51 -30.35 -3.56
N LEU A 89 6.28 -30.89 -2.63
CA LEU A 89 7.45 -30.17 -2.14
C LEU A 89 8.57 -30.34 -3.16
N THR A 90 9.14 -29.22 -3.61
CA THR A 90 9.93 -29.19 -4.83
C THR A 90 11.07 -28.19 -4.68
N SER A 91 12.04 -28.28 -5.59
CA SER A 91 13.13 -27.31 -5.61
C SER A 91 13.55 -27.06 -7.05
N GLU A 92 14.48 -26.12 -7.20
CA GLU A 92 15.01 -25.76 -8.51
C GLU A 92 16.51 -25.77 -8.32
N ASN A 93 17.16 -26.82 -8.82
CA ASN A 93 18.60 -27.03 -8.65
C ASN A 93 18.97 -26.84 -7.18
N ASN A 94 18.17 -27.45 -6.30
CA ASN A 94 18.29 -27.51 -4.84
C ASN A 94 18.13 -26.15 -4.17
N LYS A 95 17.59 -25.15 -4.84
CA LYS A 95 17.26 -23.86 -4.25
C LYS A 95 15.76 -23.61 -4.40
N LEU A 96 15.26 -22.58 -3.71
CA LEU A 96 13.85 -22.17 -3.79
C LEU A 96 12.89 -23.33 -3.49
N VAL A 97 13.16 -23.99 -2.37
CA VAL A 97 12.35 -25.11 -1.93
C VAL A 97 10.97 -24.62 -1.53
N GLY A 98 9.93 -25.32 -1.95
CA GLY A 98 8.58 -24.88 -1.65
C GLY A 98 7.57 -25.81 -2.30
N TRP A 99 6.31 -25.57 -1.96
CA TRP A 99 5.21 -26.36 -2.50
C TRP A 99 4.77 -25.79 -3.83
N ARG A 100 4.85 -26.62 -4.87
CA ARG A 100 4.47 -26.26 -6.24
C ARG A 100 3.42 -27.23 -6.76
N TRP A 101 2.54 -26.73 -7.61
CA TRP A 101 1.59 -27.58 -8.33
C TRP A 101 2.32 -28.25 -9.50
N ILE A 102 2.36 -29.59 -9.50
CA ILE A 102 3.05 -30.37 -10.51
C ILE A 102 2.07 -31.30 -11.20
N ARG A 103 2.44 -31.68 -12.43
CA ARG A 103 1.63 -32.52 -13.30
C ARG A 103 1.98 -33.99 -13.03
N ILE A 104 0.97 -34.79 -12.70
CA ILE A 104 1.16 -36.22 -12.53
C ILE A 104 0.04 -36.95 -13.26
N ASP A 105 0.33 -38.19 -13.67
CA ASP A 105 -0.64 -39.06 -14.35
C ASP A 105 -1.83 -39.36 -13.47
N THR A 106 -3.02 -39.09 -13.99
CA THR A 106 -4.21 -39.23 -13.16
C THR A 106 -5.32 -40.07 -13.75
N SER A 107 -5.33 -40.34 -15.06
N SER A 107 -5.35 -40.32 -15.05
CA SER A 107 -6.47 -41.01 -15.68
CA SER A 107 -6.48 -41.03 -15.67
C SER A 107 -6.10 -41.45 -17.10
C SER A 107 -6.10 -41.46 -17.08
N CYS A 108 -7.02 -42.18 -17.71
CA CYS A 108 -6.89 -42.61 -19.10
C CYS A 108 -8.15 -42.17 -19.83
N VAL A 109 -7.98 -41.36 -20.88
CA VAL A 109 -9.11 -40.76 -21.60
C VAL A 109 -9.02 -41.13 -23.08
N CYS A 110 -10.18 -41.27 -23.71
CA CYS A 110 -10.25 -41.62 -25.12
C CYS A 110 -10.28 -40.36 -25.98
N ALA A 111 -9.29 -40.24 -26.87
CA ALA A 111 -9.18 -39.08 -27.75
C ALA A 111 -9.82 -39.40 -29.08
N LEU A 112 -10.59 -38.45 -29.62
CA LEU A 112 -11.41 -38.65 -30.80
C LEU A 112 -11.00 -37.73 -31.94
N SER A 113 -11.20 -38.18 -33.17
CA SER A 113 -11.09 -37.34 -34.36
C SER A 113 -11.91 -37.97 -35.48
N ARG A 114 -12.68 -37.14 -36.20
CA ARG A 114 -13.53 -37.61 -37.30
C ARG A 114 -12.71 -38.26 -38.41
N LYS A 115 -13.41 -39.07 -39.20
CA LYS A 115 -12.89 -39.93 -40.28
C LYS A 115 -12.28 -41.22 -39.69
N GLU B 1 7.60 8.90 -25.30
CA GLU B 1 7.39 8.07 -24.12
C GLU B 1 5.92 8.04 -23.66
N VAL B 2 5.56 6.96 -22.96
CA VAL B 2 4.18 6.76 -22.50
C VAL B 2 3.84 7.80 -21.44
N GLN B 3 2.68 8.42 -21.57
CA GLN B 3 2.18 9.34 -20.57
C GLN B 3 0.73 9.02 -20.25
N LEU B 4 0.39 9.08 -18.97
CA LEU B 4 -0.98 8.90 -18.49
C LEU B 4 -1.24 10.04 -17.53
N VAL B 5 -2.24 10.87 -17.81
CA VAL B 5 -2.51 12.06 -17.00
C VAL B 5 -3.95 11.99 -16.52
N GLU B 6 -4.13 11.77 -15.22
CA GLU B 6 -5.45 11.75 -14.63
C GLU B 6 -5.91 13.15 -14.26
N SER B 7 -7.22 13.37 -14.35
CA SER B 7 -7.80 14.63 -13.91
C SER B 7 -9.20 14.33 -13.38
N GLY B 8 -9.81 15.35 -12.76
CA GLY B 8 -11.18 15.24 -12.32
C GLY B 8 -11.36 14.95 -10.84
N GLY B 9 -10.29 14.72 -10.10
CA GLY B 9 -10.42 14.54 -8.66
C GLY B 9 -10.92 15.79 -7.98
N GLY B 10 -11.45 15.61 -6.77
CA GLY B 10 -11.93 16.72 -5.98
C GLY B 10 -12.64 16.24 -4.73
N LEU B 11 -13.14 17.21 -3.97
CA LEU B 11 -13.77 16.96 -2.68
C LEU B 11 -15.28 16.95 -2.84
N VAL B 12 -15.94 15.91 -2.34
CA VAL B 12 -17.39 15.82 -2.40
C VAL B 12 -17.91 15.26 -1.10
N LYS B 13 -19.18 15.45 -0.86
CA LYS B 13 -19.85 14.87 0.30
C LYS B 13 -20.36 13.48 -0.04
N PRO B 14 -20.56 12.63 0.97
CA PRO B 14 -21.11 11.28 0.70
C PRO B 14 -22.37 11.36 -0.15
N GLY B 15 -22.50 10.43 -1.09
CA GLY B 15 -23.61 10.43 -2.02
C GLY B 15 -23.42 11.31 -3.25
N GLY B 16 -22.37 12.12 -3.30
CA GLY B 16 -22.06 12.89 -4.49
C GLY B 16 -21.50 12.01 -5.61
N SER B 17 -21.06 12.67 -6.67
CA SER B 17 -20.51 11.98 -7.83
C SER B 17 -19.37 12.81 -8.43
N LEU B 18 -18.47 12.11 -9.11
CA LEU B 18 -17.30 12.68 -9.76
C LEU B 18 -17.03 11.89 -11.02
N ARG B 19 -16.33 12.49 -11.96
CA ARG B 19 -15.97 11.82 -13.21
C ARG B 19 -14.48 12.04 -13.46
N LEU B 20 -13.70 10.97 -13.37
CA LEU B 20 -12.28 11.05 -13.62
C LEU B 20 -11.99 10.78 -15.10
N SER B 21 -11.02 11.51 -15.64
CA SER B 21 -10.48 11.28 -16.96
C SER B 21 -9.01 10.90 -16.85
N CYS B 22 -8.52 10.23 -17.88
CA CYS B 22 -7.12 9.87 -17.97
C CYS B 22 -6.72 9.99 -19.44
N ALA B 23 -5.93 11.01 -19.76
CA ALA B 23 -5.48 11.24 -21.13
C ALA B 23 -4.17 10.51 -21.36
N ALA B 24 -4.17 9.61 -22.33
CA ALA B 24 -3.03 8.75 -22.64
C ALA B 24 -2.33 9.23 -23.90
N SER B 25 -1.03 8.97 -23.97
CA SER B 25 -0.27 9.30 -25.18
C SER B 25 1.02 8.50 -25.17
N GLY B 26 1.60 8.37 -26.36
CA GLY B 26 2.87 7.70 -26.50
C GLY B 26 2.78 6.21 -26.70
N PHE B 27 1.60 5.72 -27.08
CA PHE B 27 1.37 4.29 -27.35
C PHE B 27 -0.01 4.14 -27.96
N THR B 28 -0.22 3.01 -28.63
CA THR B 28 -1.51 2.71 -29.23
C THR B 28 -2.55 2.42 -28.17
N PHE B 29 -3.23 3.48 -27.71
CA PHE B 29 -4.20 3.34 -26.63
C PHE B 29 -5.28 2.31 -26.97
N SER B 30 -5.70 2.25 -28.22
CA SER B 30 -6.79 1.34 -28.56
C SER B 30 -6.41 -0.12 -28.36
N ASN B 31 -5.12 -0.45 -28.24
CA ASN B 31 -4.76 -1.86 -28.08
C ASN B 31 -4.59 -2.26 -26.63
N ALA B 32 -4.63 -1.31 -25.72
CA ALA B 32 -4.28 -1.57 -24.33
C ALA B 32 -5.53 -1.85 -23.50
N TRP B 33 -5.41 -2.81 -22.59
CA TRP B 33 -6.35 -2.91 -21.50
C TRP B 33 -5.99 -1.82 -20.49
N MET B 34 -7.01 -1.15 -19.95
CA MET B 34 -6.83 -0.04 -19.01
C MET B 34 -7.46 -0.39 -17.67
N ASN B 35 -6.83 0.09 -16.59
CA ASN B 35 -7.32 -0.13 -15.23
C ASN B 35 -7.39 1.19 -14.49
N TRP B 36 -8.20 1.20 -13.44
CA TRP B 36 -8.12 2.22 -12.40
C TRP B 36 -7.69 1.50 -11.13
N VAL B 37 -6.68 2.02 -10.45
CA VAL B 37 -6.22 1.51 -9.16
C VAL B 37 -6.21 2.67 -8.19
N ARG B 38 -6.66 2.43 -6.95
CA ARG B 38 -6.72 3.50 -5.96
C ARG B 38 -5.91 3.18 -4.71
N GLN B 39 -5.65 4.22 -3.93
CA GLN B 39 -4.83 4.10 -2.73
C GLN B 39 -5.39 5.08 -1.71
N ALA B 40 -6.05 4.55 -0.68
CA ALA B 40 -6.52 5.40 0.40
C ALA B 40 -5.32 6.02 1.11
N PRO B 41 -5.48 7.19 1.71
CA PRO B 41 -4.34 7.85 2.36
C PRO B 41 -3.69 6.97 3.41
N GLY B 42 -2.40 6.68 3.21
CA GLY B 42 -1.63 5.90 4.15
C GLY B 42 -1.84 4.41 4.08
N LYS B 43 -2.56 3.90 3.08
CA LYS B 43 -2.85 2.47 2.94
C LYS B 43 -2.25 1.94 1.64
N GLY B 44 -2.61 0.70 1.29
CA GLY B 44 -2.06 0.05 0.11
C GLY B 44 -2.88 0.25 -1.15
N LEU B 45 -2.41 -0.40 -2.21
CA LEU B 45 -3.03 -0.31 -3.53
C LEU B 45 -4.25 -1.22 -3.62
N GLU B 46 -5.30 -0.73 -4.29
CA GLU B 46 -6.52 -1.51 -4.45
C GLU B 46 -7.06 -1.34 -5.86
N TRP B 47 -7.12 -2.43 -6.60
CA TRP B 47 -7.68 -2.41 -7.94
C TRP B 47 -9.14 -1.99 -7.92
N VAL B 48 -9.51 -1.09 -8.82
CA VAL B 48 -10.89 -0.58 -8.89
C VAL B 48 -11.68 -1.23 -10.01
N GLY B 49 -11.09 -1.32 -11.20
CA GLY B 49 -11.74 -1.99 -12.31
C GLY B 49 -10.88 -1.90 -13.55
N ARG B 50 -11.34 -2.59 -14.61
CA ARG B 50 -10.62 -2.66 -15.86
C ARG B 50 -11.59 -2.54 -17.02
N ILE B 51 -11.08 -2.12 -18.17
CA ILE B 51 -11.84 -2.21 -19.42
C ILE B 51 -10.94 -2.80 -20.49
N LYS B 52 -11.43 -3.86 -21.15
CA LYS B 52 -10.60 -4.51 -22.15
C LYS B 52 -10.47 -3.63 -23.39
N SER B 53 -9.54 -4.00 -24.26
CA SER B 53 -9.48 -3.37 -25.57
C SER B 53 -10.70 -3.79 -26.38
N LYS B 54 -11.05 -2.97 -27.38
CA LYS B 54 -12.17 -3.32 -28.23
C LYS B 54 -11.93 -4.65 -28.94
N THR B 55 -10.69 -4.91 -29.37
CA THR B 55 -10.37 -6.19 -29.99
C THR B 55 -10.76 -7.35 -29.10
N ASP B 56 -10.48 -7.26 -27.80
CA ASP B 56 -10.76 -8.35 -26.87
C ASP B 56 -12.15 -8.26 -26.26
N GLY B 57 -13.04 -7.46 -26.86
CA GLY B 57 -14.43 -7.39 -26.45
C GLY B 57 -14.84 -6.10 -25.79
N GLY B 58 -13.89 -5.27 -25.36
CA GLY B 58 -14.22 -3.97 -24.78
C GLY B 58 -15.10 -4.00 -23.54
N THR B 59 -15.08 -5.09 -22.80
CA THR B 59 -15.92 -5.23 -21.62
C THR B 59 -15.21 -4.75 -20.35
N THR B 60 -15.99 -4.56 -19.29
CA THR B 60 -15.51 -4.03 -18.02
C THR B 60 -15.66 -5.07 -16.91
N ASP B 61 -14.82 -4.97 -15.87
CA ASP B 61 -14.98 -5.72 -14.65
C ASP B 61 -14.66 -4.77 -13.51
N TYR B 62 -15.30 -4.98 -12.35
CA TYR B 62 -15.16 -4.08 -11.21
C TYR B 62 -14.84 -4.85 -9.93
N ALA B 63 -14.12 -4.18 -9.02
CA ALA B 63 -13.91 -4.72 -7.69
C ALA B 63 -15.23 -4.77 -6.93
N ALA B 64 -15.31 -5.72 -5.99
CA ALA B 64 -16.53 -5.91 -5.20
C ALA B 64 -17.08 -4.64 -4.55
N PRO B 65 -16.31 -3.85 -3.76
CA PRO B 65 -16.91 -2.71 -3.05
C PRO B 65 -17.35 -1.57 -3.96
N VAL B 66 -17.07 -1.67 -5.25
CA VAL B 66 -17.33 -0.59 -6.19
C VAL B 66 -18.39 -0.98 -7.22
N LYS B 67 -18.70 -2.26 -7.35
CA LYS B 67 -19.66 -2.76 -8.33
C LYS B 67 -21.02 -2.11 -8.16
N GLY B 68 -21.58 -1.62 -9.27
CA GLY B 68 -22.87 -0.98 -9.27
C GLY B 68 -22.85 0.51 -8.99
N ARG B 69 -21.73 1.05 -8.54
CA ARG B 69 -21.63 2.48 -8.31
C ARG B 69 -20.68 3.19 -9.27
N PHE B 70 -19.62 2.51 -9.73
CA PHE B 70 -18.63 3.09 -10.65
C PHE B 70 -18.80 2.49 -12.04
N THR B 71 -18.54 3.31 -13.08
CA THR B 71 -18.59 2.88 -14.48
C THR B 71 -17.30 3.29 -15.18
N ILE B 72 -16.62 2.32 -15.78
CA ILE B 72 -15.45 2.61 -16.60
C ILE B 72 -15.87 2.69 -18.05
N SER B 73 -15.30 3.63 -18.78
CA SER B 73 -15.50 3.68 -20.22
C SER B 73 -14.25 4.25 -20.87
N ARG B 74 -14.22 4.17 -22.18
CA ARG B 74 -13.08 4.68 -22.92
C ARG B 74 -13.55 5.28 -24.24
N ASP B 75 -12.77 6.26 -24.70
CA ASP B 75 -12.99 6.91 -25.98
C ASP B 75 -11.68 6.78 -26.76
N ASP B 76 -11.59 5.75 -27.62
CA ASP B 76 -10.38 5.53 -28.40
C ASP B 76 -10.06 6.69 -29.33
N SER B 77 -11.05 7.44 -29.79
CA SER B 77 -10.74 8.55 -30.67
C SER B 77 -10.12 9.74 -29.93
N LYS B 78 -10.17 9.76 -28.60
CA LYS B 78 -9.48 10.80 -27.83
C LYS B 78 -8.38 10.23 -26.93
N ASN B 79 -8.11 8.92 -27.01
CA ASN B 79 -7.14 8.27 -26.14
C ASN B 79 -7.41 8.58 -24.68
N THR B 80 -8.68 8.45 -24.27
CA THR B 80 -9.03 8.79 -22.90
C THR B 80 -9.78 7.65 -22.21
N LEU B 81 -9.39 7.41 -20.97
CA LEU B 81 -10.09 6.50 -20.08
C LEU B 81 -10.93 7.32 -19.12
N TYR B 82 -12.11 6.81 -18.77
CA TYR B 82 -13.01 7.50 -17.86
C TYR B 82 -13.39 6.63 -16.67
N LEU B 83 -13.62 7.28 -15.53
CA LEU B 83 -14.20 6.65 -14.35
C LEU B 83 -15.34 7.52 -13.84
N GLN B 84 -16.57 7.04 -14.01
CA GLN B 84 -17.75 7.71 -13.48
C GLN B 84 -18.04 7.13 -12.10
N MET B 85 -17.93 7.97 -11.06
CA MET B 85 -18.12 7.57 -9.67
C MET B 85 -19.39 8.20 -9.14
N ASN B 86 -20.42 7.39 -8.90
CA ASN B 86 -21.68 7.86 -8.36
C ASN B 86 -21.86 7.28 -6.97
N SER B 87 -22.74 7.92 -6.18
CA SER B 87 -23.08 7.43 -4.84
C SER B 87 -21.83 7.19 -4.01
N LEU B 88 -20.96 8.19 -3.99
CA LEU B 88 -19.65 8.05 -3.35
C LEU B 88 -19.80 7.83 -1.84
N LYS B 89 -18.85 7.09 -1.28
CA LYS B 89 -18.76 6.75 0.12
C LYS B 89 -17.45 7.30 0.67
N THR B 90 -17.38 7.52 1.99
CA THR B 90 -16.13 7.99 2.58
C THR B 90 -14.99 7.00 2.33
N GLU B 91 -15.29 5.70 2.30
CA GLU B 91 -14.30 4.67 1.98
C GLU B 91 -13.73 4.82 0.57
N ASP B 92 -14.36 5.59 -0.30
CA ASP B 92 -13.86 5.83 -1.64
C ASP B 92 -12.79 6.93 -1.68
N THR B 93 -12.50 7.57 -0.55
CA THR B 93 -11.43 8.56 -0.50
C THR B 93 -10.10 7.90 -0.82
N ALA B 94 -9.39 8.42 -1.83
CA ALA B 94 -8.15 7.80 -2.29
C ALA B 94 -7.53 8.65 -3.39
N VAL B 95 -6.26 8.39 -3.66
CA VAL B 95 -5.68 8.79 -4.93
C VAL B 95 -6.03 7.70 -5.94
N TYR B 96 -6.48 8.13 -7.12
CA TYR B 96 -6.91 7.23 -8.17
C TYR B 96 -5.90 7.26 -9.31
N TYR B 97 -5.34 6.09 -9.62
CA TYR B 97 -4.35 5.93 -10.66
C TYR B 97 -4.93 5.24 -11.89
N CYS B 98 -4.56 5.76 -13.04
CA CYS B 98 -4.80 5.16 -14.33
C CYS B 98 -3.62 4.26 -14.70
N THR B 99 -3.91 3.11 -15.31
CA THR B 99 -2.95 2.04 -15.47
C THR B 99 -3.17 1.28 -16.78
N THR B 100 -2.09 0.95 -17.49
CA THR B 100 -2.14 0.01 -18.61
C THR B 100 -1.77 -1.39 -18.13
N SER B 101 -2.39 -2.40 -18.74
CA SER B 101 -1.99 -3.79 -18.54
C SER B 101 -1.07 -4.22 -19.67
N GLY B 102 -0.02 -4.99 -19.33
CA GLY B 102 0.86 -5.56 -20.31
C GLY B 102 0.92 -7.08 -20.18
N GLY B 103 1.66 -7.69 -21.09
CA GLY B 103 1.80 -9.14 -21.04
C GLY B 103 0.54 -9.92 -21.35
N LEU B 104 -0.23 -9.49 -22.34
CA LEU B 104 -1.37 -10.25 -22.83
C LEU B 104 -1.01 -10.69 -24.25
N LEU B 105 -0.52 -11.94 -24.37
CA LEU B 105 -0.15 -12.48 -25.68
C LEU B 105 -1.32 -13.12 -26.40
N TYR B 106 -2.38 -13.51 -25.69
CA TYR B 106 -3.39 -14.39 -26.25
C TYR B 106 -4.77 -13.78 -26.06
N GLY B 107 -4.84 -12.45 -26.02
CA GLY B 107 -6.10 -11.79 -25.68
C GLY B 107 -6.43 -11.98 -24.21
N SER B 108 -7.68 -12.33 -23.93
CA SER B 108 -8.09 -12.54 -22.55
C SER B 108 -7.38 -13.75 -21.96
N PRO B 109 -6.71 -13.62 -20.81
CA PRO B 109 -6.02 -14.79 -20.21
C PRO B 109 -6.97 -15.96 -20.02
N SER B 110 -6.43 -17.16 -20.26
CA SER B 110 -7.18 -18.38 -20.05
C SER B 110 -7.03 -18.88 -18.60
N PHE B 111 -7.87 -19.85 -18.25
CA PHE B 111 -7.86 -20.43 -16.91
C PHE B 111 -6.47 -20.94 -16.54
N GLY B 112 -5.82 -21.64 -17.45
CA GLY B 112 -4.55 -22.27 -17.18
C GLY B 112 -3.31 -21.42 -17.36
N ASP B 113 -3.47 -20.16 -17.75
CA ASP B 113 -2.33 -19.28 -17.97
C ASP B 113 -1.68 -18.95 -16.63
N TYR B 114 -0.37 -19.13 -16.53
CA TYR B 114 0.33 -18.74 -15.31
C TYR B 114 0.94 -17.34 -15.42
N TYR B 115 1.65 -17.06 -16.50
CA TYR B 115 2.33 -15.80 -16.70
C TYR B 115 1.42 -14.77 -17.38
N GLY B 116 1.83 -13.50 -17.27
CA GLY B 116 1.25 -12.39 -17.99
C GLY B 116 0.50 -11.44 -17.04
N TYR B 117 0.00 -10.36 -17.65
CA TYR B 117 -1.00 -9.50 -17.02
C TYR B 117 -0.44 -8.69 -15.85
N TRP B 118 0.50 -7.80 -16.17
CA TRP B 118 1.08 -6.88 -15.21
C TRP B 118 0.65 -5.47 -15.60
N MET B 119 0.99 -4.52 -14.73
CA MET B 119 0.68 -3.11 -14.93
C MET B 119 1.96 -2.36 -15.26
N ASP B 120 2.19 -2.11 -16.56
CA ASP B 120 3.51 -1.61 -16.92
C ASP B 120 3.61 -0.08 -16.91
N TYR B 121 2.48 0.66 -17.00
CA TYR B 121 2.54 2.11 -16.88
C TYR B 121 1.45 2.63 -15.96
N TRP B 122 1.82 3.59 -15.12
CA TRP B 122 0.91 4.20 -14.16
C TRP B 122 0.98 5.72 -14.35
N GLY B 123 -0.17 6.39 -14.27
CA GLY B 123 -0.20 7.84 -14.21
C GLY B 123 0.11 8.32 -12.80
N GLN B 124 0.20 9.64 -12.63
CA GLN B 124 0.56 10.12 -11.30
C GLN B 124 -0.62 10.34 -10.38
N GLY B 125 -1.85 10.18 -10.87
CA GLY B 125 -3.00 10.04 -9.99
C GLY B 125 -3.79 11.33 -9.82
N THR B 126 -5.05 11.19 -9.41
N THR B 126 -5.04 11.17 -9.43
CA THR B 126 -5.86 12.33 -9.01
CA THR B 126 -5.91 12.25 -9.01
C THR B 126 -6.57 12.01 -7.69
C THR B 126 -6.42 11.96 -7.61
N THR B 127 -6.64 13.00 -6.83
CA THR B 127 -7.09 12.83 -5.45
C THR B 127 -8.58 13.05 -5.33
N VAL B 128 -9.24 12.09 -4.68
CA VAL B 128 -10.67 12.11 -4.43
C VAL B 128 -10.85 12.08 -2.92
N THR B 129 -11.51 13.09 -2.39
CA THR B 129 -11.84 13.14 -0.97
C THR B 129 -13.36 13.11 -0.85
N VAL B 130 -13.88 12.15 -0.10
CA VAL B 130 -15.29 12.12 0.25
C VAL B 130 -15.40 12.31 1.76
N SER B 131 -16.02 13.41 2.18
CA SER B 131 -16.14 13.73 3.59
C SER B 131 -17.43 14.48 3.87
N SER B 132 -18.07 14.12 4.98
CA SER B 132 -19.29 14.80 5.41
C SER B 132 -19.02 16.13 6.11
N ALA B 133 -17.76 16.51 6.31
CA ALA B 133 -17.47 17.78 6.99
C ALA B 133 -17.78 18.96 6.07
N SER B 134 -18.13 20.08 6.68
CA SER B 134 -18.44 21.31 5.96
C SER B 134 -17.30 22.32 6.14
N THR B 135 -17.15 23.19 5.14
CA THR B 135 -16.12 24.23 5.18
C THR B 135 -16.22 25.00 6.50
N LYS B 136 -15.09 25.15 7.18
CA LYS B 136 -15.08 25.77 8.50
C LYS B 136 -13.73 26.39 8.78
N GLY B 137 -13.71 27.69 9.08
CA GLY B 137 -12.51 28.39 9.48
C GLY B 137 -12.00 27.90 10.82
N PRO B 138 -10.74 28.18 11.11
CA PRO B 138 -10.14 27.66 12.35
C PRO B 138 -10.37 28.56 13.56
N SER B 139 -10.39 27.91 14.74
CA SER B 139 -10.17 28.56 16.02
C SER B 139 -8.67 28.69 16.25
N VAL B 140 -8.20 29.89 16.58
CA VAL B 140 -6.76 30.09 16.79
C VAL B 140 -6.48 30.38 18.27
N PHE B 141 -5.57 29.59 18.86
CA PHE B 141 -5.22 29.80 20.26
C PHE B 141 -3.73 30.05 20.40
N PRO B 142 -3.32 30.97 21.27
CA PRO B 142 -1.88 31.23 21.43
C PRO B 142 -1.25 30.13 22.26
N LEU B 143 -0.02 29.76 21.90
CA LEU B 143 0.78 28.80 22.67
C LEU B 143 1.88 29.63 23.33
N ALA B 144 1.66 29.99 24.60
CA ALA B 144 2.47 30.99 25.27
C ALA B 144 3.86 30.45 25.62
N PRO B 145 4.89 31.29 25.59
CA PRO B 145 6.28 30.81 25.67
C PRO B 145 6.60 30.00 26.93
N SER B 146 6.00 30.32 28.07
CA SER B 146 6.23 29.59 29.33
C SER B 146 7.69 29.26 29.61
N SER B 151 18.91 25.89 29.56
CA SER B 151 18.30 26.45 28.36
C SER B 151 19.34 27.21 27.56
N GLY B 152 19.14 27.28 26.24
CA GLY B 152 20.02 28.06 25.38
C GLY B 152 19.65 29.53 25.32
N GLY B 153 18.92 30.01 26.34
CA GLY B 153 18.38 31.36 26.29
C GLY B 153 17.34 31.55 25.21
N THR B 154 16.63 30.49 24.86
CA THR B 154 15.58 30.51 23.86
C THR B 154 14.26 30.04 24.46
N ALA B 155 13.16 30.53 23.88
CA ALA B 155 11.82 30.15 24.29
C ALA B 155 11.02 29.74 23.06
N ALA B 156 10.14 28.76 23.24
CA ALA B 156 9.26 28.31 22.17
C ALA B 156 7.87 28.85 22.43
N LEU B 157 7.34 29.60 21.45
CA LEU B 157 5.96 30.03 21.45
C LEU B 157 5.35 29.71 20.09
N GLY B 158 4.03 29.79 19.99
CA GLY B 158 3.38 29.49 18.73
C GLY B 158 1.89 29.64 18.85
N CYS B 159 1.17 29.12 17.85
CA CYS B 159 -0.28 29.14 17.95
C CYS B 159 -0.88 27.86 17.39
N LEU B 160 -1.98 27.46 18.02
CA LEU B 160 -2.71 26.24 17.71
C LEU B 160 -3.87 26.60 16.79
N VAL B 161 -3.90 26.00 15.61
CA VAL B 161 -4.89 26.30 14.59
C VAL B 161 -5.84 25.11 14.55
N LYS B 162 -7.01 25.25 15.15
CA LYS B 162 -7.85 24.11 15.51
C LYS B 162 -9.12 24.04 14.67
N ASP B 163 -9.48 22.81 14.27
CA ASP B 163 -10.83 22.47 13.79
C ASP B 163 -11.20 23.27 12.54
N TYR B 164 -10.40 23.07 11.49
CA TYR B 164 -10.67 23.73 10.24
C TYR B 164 -10.87 22.70 9.14
N PHE B 165 -11.58 23.13 8.10
CA PHE B 165 -11.80 22.23 6.98
C PHE B 165 -12.19 22.99 5.73
N PRO B 166 -11.68 22.58 4.56
CA PRO B 166 -10.65 21.57 4.35
C PRO B 166 -9.26 22.23 4.32
N GLU B 167 -8.20 21.50 3.97
CA GLU B 167 -6.89 22.10 3.84
C GLU B 167 -6.87 23.06 2.64
N PRO B 168 -5.90 23.98 2.58
CA PRO B 168 -4.82 24.29 3.51
C PRO B 168 -5.04 25.55 4.32
N VAL B 169 -4.15 25.75 5.28
CA VAL B 169 -4.08 26.95 6.08
C VAL B 169 -2.67 27.48 5.99
N THR B 170 -2.53 28.80 5.89
CA THR B 170 -1.21 29.43 5.81
C THR B 170 -0.96 30.23 7.08
N VAL B 171 0.08 29.86 7.82
CA VAL B 171 0.46 30.57 9.03
C VAL B 171 1.71 31.38 8.73
N SER B 172 1.70 32.64 9.11
CA SER B 172 2.87 33.50 9.04
C SER B 172 3.08 34.16 10.41
N TRP B 173 4.18 34.89 10.54
CA TRP B 173 4.50 35.53 11.80
C TRP B 173 4.99 36.95 11.53
N ASN B 174 4.47 37.91 12.28
CA ASN B 174 4.75 39.33 12.08
C ASN B 174 4.59 39.70 10.61
N SER B 175 3.52 39.20 10.01
CA SER B 175 3.04 39.47 8.66
C SER B 175 4.02 38.98 7.60
N GLY B 176 5.11 38.31 7.99
CA GLY B 176 6.10 37.83 7.05
C GLY B 176 7.50 38.21 7.46
N ALA B 177 7.62 39.19 8.36
CA ALA B 177 8.94 39.68 8.76
C ALA B 177 9.67 38.71 9.67
N LEU B 178 9.03 37.61 10.08
CA LEU B 178 9.65 36.62 10.97
C LEU B 178 9.60 35.27 10.29
N THR B 179 10.76 34.74 9.92
CA THR B 179 10.88 33.45 9.25
C THR B 179 11.92 32.56 9.92
N SER B 180 12.90 33.18 10.58
CA SER B 180 13.95 32.42 11.24
C SER B 180 13.40 31.77 12.51
N GLY B 181 13.45 30.44 12.55
CA GLY B 181 13.00 29.68 13.71
C GLY B 181 11.57 29.19 13.64
N VAL B 182 10.91 29.40 12.51
CA VAL B 182 9.50 29.04 12.35
C VAL B 182 9.38 27.60 11.87
N HIS B 183 8.59 26.81 12.60
CA HIS B 183 8.30 25.43 12.22
C HIS B 183 6.78 25.27 12.27
N THR B 184 6.12 25.30 11.10
CA THR B 184 4.69 25.06 11.00
C THR B 184 4.51 23.58 10.70
N PHE B 185 3.88 22.87 11.61
CA PHE B 185 3.84 21.42 11.51
C PHE B 185 2.67 20.95 10.64
N PRO B 186 2.84 19.85 9.90
CA PRO B 186 1.72 19.27 9.14
C PRO B 186 0.50 19.03 10.00
N ALA B 187 -0.67 19.19 9.40
CA ALA B 187 -1.91 19.10 10.15
C ALA B 187 -2.20 17.65 10.54
N VAL B 188 -2.98 17.50 11.61
CA VAL B 188 -3.60 16.21 11.95
C VAL B 188 -5.04 16.23 11.49
N LEU B 189 -5.46 15.14 10.84
CA LEU B 189 -6.86 14.92 10.48
C LEU B 189 -7.54 14.20 11.63
N GLN B 190 -8.39 14.91 12.36
CA GLN B 190 -9.03 14.36 13.55
C GLN B 190 -10.13 13.40 13.16
N SER B 191 -10.60 12.64 14.16
CA SER B 191 -11.70 11.70 13.90
C SER B 191 -12.99 12.41 13.58
N SER B 192 -13.15 13.67 13.99
CA SER B 192 -14.31 14.49 13.65
C SER B 192 -14.34 14.91 12.19
N GLY B 193 -13.26 14.70 11.44
CA GLY B 193 -13.20 15.12 10.05
C GLY B 193 -12.54 16.46 9.82
N LEU B 194 -12.13 17.16 10.89
CA LEU B 194 -11.53 18.48 10.82
C LEU B 194 -10.03 18.42 11.09
N TYR B 195 -9.30 19.38 10.51
CA TYR B 195 -7.86 19.46 10.68
C TYR B 195 -7.48 20.40 11.81
N SER B 196 -6.31 20.14 12.40
CA SER B 196 -5.67 21.07 13.33
C SER B 196 -4.17 21.03 13.06
N LEU B 197 -3.52 22.18 13.15
CA LEU B 197 -2.06 22.18 13.09
C LEU B 197 -1.51 23.19 14.10
N SER B 198 -0.21 23.12 14.31
CA SER B 198 0.47 24.08 15.15
C SER B 198 1.63 24.69 14.39
N SER B 199 1.87 25.98 14.62
CA SER B 199 3.10 26.64 14.20
C SER B 199 3.81 27.15 15.44
N VAL B 200 5.07 26.79 15.60
CA VAL B 200 5.86 27.23 16.73
C VAL B 200 7.09 27.93 16.20
N VAL B 201 7.47 29.03 16.82
CA VAL B 201 8.69 29.72 16.46
C VAL B 201 9.60 29.77 17.68
N THR B 202 10.89 29.51 17.46
CA THR B 202 11.88 29.67 18.51
C THR B 202 12.46 31.08 18.44
N VAL B 203 12.55 31.72 19.59
CA VAL B 203 12.94 33.13 19.70
C VAL B 203 13.86 33.26 20.91
N PRO B 204 14.67 34.32 20.96
CA PRO B 204 15.47 34.56 22.17
C PRO B 204 14.58 34.99 23.34
N SER B 205 14.89 34.45 24.53
CA SER B 205 14.13 34.78 25.73
C SER B 205 14.26 36.25 26.11
N SER B 206 15.33 36.91 25.67
CA SER B 206 15.59 38.30 26.09
C SER B 206 14.61 39.27 25.46
N SER B 207 14.02 38.92 24.33
CA SER B 207 13.11 39.79 23.59
C SER B 207 11.65 39.61 23.99
N LEU B 208 11.34 38.70 24.93
CA LEU B 208 9.95 38.36 25.21
C LEU B 208 9.16 39.55 25.74
N GLY B 209 9.83 40.49 26.40
CA GLY B 209 9.16 41.66 26.92
C GLY B 209 9.20 42.90 26.04
N THR B 210 9.91 42.84 24.90
CA THR B 210 10.05 44.00 24.03
C THR B 210 9.68 43.75 22.57
N GLN B 211 9.51 42.50 22.15
CA GLN B 211 9.12 42.20 20.78
C GLN B 211 7.73 41.61 20.75
N THR B 212 6.88 42.16 19.88
CA THR B 212 5.50 41.73 19.74
CA THR B 212 5.50 41.71 19.74
C THR B 212 5.44 40.61 18.70
N TYR B 213 4.98 39.43 19.11
CA TYR B 213 4.87 38.26 18.23
C TYR B 213 3.40 38.03 17.91
N ILE B 214 3.04 38.20 16.64
CA ILE B 214 1.70 37.96 16.13
C ILE B 214 1.75 36.89 15.07
N CYS B 215 0.83 35.93 15.12
CA CYS B 215 0.73 34.90 14.11
C CYS B 215 -0.49 35.15 13.25
N ASN B 216 -0.28 35.16 11.94
CA ASN B 216 -1.32 35.50 10.97
C ASN B 216 -1.81 34.22 10.31
N VAL B 217 -3.06 33.86 10.57
CA VAL B 217 -3.63 32.64 10.02
C VAL B 217 -4.59 33.04 8.92
N ASN B 218 -4.40 32.47 7.73
CA ASN B 218 -5.34 32.64 6.63
C ASN B 218 -5.85 31.28 6.17
N HIS B 219 -7.16 31.14 6.11
CA HIS B 219 -7.84 29.95 5.61
C HIS B 219 -8.68 30.38 4.42
N LYS B 220 -8.12 30.22 3.23
CA LYS B 220 -8.76 30.67 2.00
C LYS B 220 -10.04 29.91 1.67
N PRO B 221 -10.13 28.58 1.89
CA PRO B 221 -11.42 27.91 1.67
C PRO B 221 -12.61 28.56 2.36
N SER B 222 -12.46 29.08 3.56
CA SER B 222 -13.57 29.72 4.24
C SER B 222 -13.45 31.24 4.25
N ASN B 223 -12.36 31.79 3.71
CA ASN B 223 -12.11 33.23 3.75
C ASN B 223 -12.08 33.74 5.20
N THR B 224 -11.39 33.00 6.07
CA THR B 224 -11.19 33.40 7.45
C THR B 224 -9.75 33.85 7.64
N LYS B 225 -9.55 35.03 8.23
CA LYS B 225 -8.23 35.53 8.55
C LYS B 225 -8.19 35.88 10.03
N VAL B 226 -7.15 35.43 10.73
CA VAL B 226 -7.01 35.68 12.17
C VAL B 226 -5.61 36.18 12.44
N ASP B 227 -5.51 37.29 13.18
CA ASP B 227 -4.26 37.79 13.76
C ASP B 227 -4.36 37.58 15.26
N LYS B 228 -3.44 36.84 15.83
CA LYS B 228 -3.52 36.51 17.24
C LYS B 228 -2.17 36.78 17.91
N ARG B 229 -2.15 37.74 18.83
CA ARG B 229 -0.93 38.09 19.55
C ARG B 229 -0.60 37.04 20.61
N VAL B 230 0.64 36.56 20.60
CA VAL B 230 1.14 35.57 21.56
C VAL B 230 2.07 36.28 22.55
N GLU B 231 1.80 36.10 23.83
CA GLU B 231 2.45 36.82 24.92
C GLU B 231 2.69 35.88 26.07
N PRO B 232 3.67 36.16 26.94
CA PRO B 232 3.99 35.24 28.04
C PRO B 232 2.92 35.22 29.13
N LYS B 233 2.92 34.13 29.90
CA LYS B 233 1.87 33.87 30.89
C LYS B 233 1.78 34.97 31.95
N SER B 234 2.90 35.26 32.62
CA SER B 234 2.95 36.28 33.69
C SER B 234 1.89 36.03 34.77
N GLN C 1 -10.10 -10.47 -3.65
CA GLN C 1 -10.58 -10.61 -2.29
C GLN C 1 -9.72 -11.54 -1.40
N SER C 2 -8.80 -12.30 -2.00
CA SER C 2 -7.89 -13.17 -1.23
C SER C 2 -6.69 -12.37 -0.75
N VAL C 3 -6.11 -12.79 0.36
CA VAL C 3 -5.14 -11.94 1.05
C VAL C 3 -3.73 -12.30 0.61
N LEU C 4 -3.09 -11.34 -0.04
CA LEU C 4 -1.69 -11.42 -0.36
C LEU C 4 -0.96 -10.75 0.80
N THR C 5 -0.05 -11.47 1.47
CA THR C 5 0.56 -11.03 2.72
C THR C 5 2.04 -10.73 2.56
N GLN C 6 2.44 -9.53 3.00
CA GLN C 6 3.81 -9.05 3.05
C GLN C 6 4.14 -8.57 4.44
N PRO C 7 5.40 -8.65 4.88
CA PRO C 7 5.77 -8.03 6.14
C PRO C 7 5.60 -6.52 6.02
N PRO C 8 5.12 -5.84 7.05
CA PRO C 8 4.89 -4.40 6.91
C PRO C 8 6.16 -3.58 6.72
N SER C 9 7.30 -4.02 7.24
CA SER C 9 8.47 -3.15 7.19
C SER C 9 9.77 -3.95 7.20
N VAL C 10 10.79 -3.34 6.59
CA VAL C 10 12.14 -3.85 6.51
C VAL C 10 13.09 -2.66 6.64
N SER C 11 14.11 -2.78 7.50
CA SER C 11 15.15 -1.78 7.61
C SER C 11 16.47 -2.39 7.16
N VAL C 12 17.25 -1.62 6.43
CA VAL C 12 18.47 -2.15 5.81
C VAL C 12 19.45 -1.00 5.71
N ALA C 13 20.77 -1.33 5.82
CA ALA C 13 21.78 -0.29 5.68
C ALA C 13 22.31 -0.25 4.24
N PRO C 14 22.75 0.91 3.75
CA PRO C 14 23.31 0.98 2.39
C PRO C 14 24.36 -0.11 2.16
N GLY C 15 24.29 -0.75 1.00
CA GLY C 15 25.19 -1.84 0.67
C GLY C 15 24.70 -3.22 1.03
N GLN C 16 23.79 -3.35 1.99
N GLN C 16 23.80 -3.35 2.00
CA GLN C 16 23.29 -4.66 2.38
CA GLN C 16 23.24 -4.62 2.44
C GLN C 16 22.13 -5.08 1.47
C GLN C 16 22.19 -5.11 1.45
N THR C 17 21.57 -6.25 1.75
CA THR C 17 20.51 -6.84 0.93
C THR C 17 19.18 -6.78 1.67
N ALA C 18 18.15 -6.26 1.00
CA ALA C 18 16.78 -6.27 1.50
C ALA C 18 15.99 -7.40 0.86
N ARG C 19 15.19 -8.11 1.65
CA ARG C 19 14.35 -9.20 1.15
C ARG C 19 12.91 -8.98 1.60
N ILE C 20 11.98 -9.04 0.64
CA ILE C 20 10.56 -8.81 0.89
C ILE C 20 9.82 -10.03 0.40
N THR C 21 9.13 -10.73 1.28
CA THR C 21 8.37 -11.89 0.89
C THR C 21 6.90 -11.56 0.74
N CYS C 22 6.19 -12.46 0.09
CA CYS C 22 4.80 -12.28 -0.31
C CYS C 22 4.23 -13.68 -0.42
N GLY C 23 3.09 -13.93 0.23
CA GLY C 23 2.47 -15.23 0.20
C GLY C 23 0.95 -15.11 0.20
N GLY C 24 0.31 -16.26 0.04
CA GLY C 24 -1.14 -16.35 0.13
C GLY C 24 -1.78 -16.34 -1.24
N SER C 25 -3.11 -16.23 -1.25
CA SER C 25 -3.87 -15.94 -2.48
C SER C 25 -3.51 -16.94 -3.59
N SER C 26 -3.22 -16.46 -4.79
CA SER C 26 -2.91 -17.32 -5.92
C SER C 26 -1.42 -17.48 -6.14
N VAL C 27 -0.58 -17.18 -5.15
CA VAL C 27 0.84 -17.44 -5.36
C VAL C 27 0.97 -18.93 -5.59
N GLY C 28 1.70 -19.31 -6.64
CA GLY C 28 1.84 -20.68 -7.05
C GLY C 28 0.92 -21.07 -8.18
N ARG C 29 -0.10 -20.27 -8.47
CA ARG C 29 -1.00 -20.52 -9.58
C ARG C 29 -1.01 -19.41 -10.62
N LYS C 30 -0.62 -18.19 -10.26
CA LYS C 30 -0.51 -17.09 -11.19
C LYS C 30 0.75 -16.34 -10.81
N SER C 31 1.44 -15.78 -11.81
CA SER C 31 2.73 -15.18 -11.51
C SER C 31 2.56 -13.87 -10.73
N VAL C 32 3.64 -13.50 -10.05
CA VAL C 32 3.68 -12.35 -9.13
C VAL C 32 4.43 -11.22 -9.80
N HIS C 33 3.88 -10.02 -9.73
CA HIS C 33 4.53 -8.80 -10.19
C HIS C 33 4.83 -7.92 -8.97
N TRP C 34 5.85 -7.07 -9.08
CA TRP C 34 6.27 -6.23 -7.97
C TRP C 34 6.34 -4.76 -8.39
N TYR C 35 5.89 -3.88 -7.52
CA TYR C 35 5.86 -2.45 -7.80
C TYR C 35 6.58 -1.71 -6.69
N GLN C 36 7.34 -0.69 -7.08
CA GLN C 36 8.04 0.21 -6.18
C GLN C 36 7.28 1.52 -6.15
N GLN C 37 6.95 2.01 -4.96
CA GLN C 37 6.34 3.33 -4.82
C GLN C 37 7.21 4.23 -3.94
N SER C 38 7.91 5.17 -4.57
CA SER C 38 8.67 6.17 -3.84
C SER C 38 7.72 7.23 -3.26
N PRO C 39 8.10 7.85 -2.15
CA PRO C 39 7.21 8.82 -1.50
C PRO C 39 6.68 9.89 -2.47
N GLY C 40 5.36 10.04 -2.48
CA GLY C 40 4.73 11.04 -3.32
C GLY C 40 4.67 10.71 -4.79
N GLN C 41 5.11 9.52 -5.21
CA GLN C 41 5.13 9.19 -6.62
C GLN C 41 4.16 8.03 -6.88
N ALA C 42 3.85 7.86 -8.16
CA ALA C 42 3.06 6.70 -8.58
C ALA C 42 3.91 5.44 -8.50
N PRO C 43 3.29 4.27 -8.36
CA PRO C 43 4.05 3.02 -8.42
C PRO C 43 4.73 2.81 -9.77
N VAL C 44 5.79 2.01 -9.72
CA VAL C 44 6.63 1.67 -10.85
C VAL C 44 6.81 0.16 -10.85
N LEU C 45 6.63 -0.47 -12.00
CA LEU C 45 6.86 -1.90 -12.12
C LEU C 45 8.36 -2.20 -12.05
N VAL C 46 8.79 -3.01 -11.10
CA VAL C 46 10.20 -3.35 -11.00
C VAL C 46 10.47 -4.84 -11.26
N VAL C 47 9.49 -5.73 -11.14
CA VAL C 47 9.61 -7.15 -11.46
C VAL C 47 8.29 -7.60 -12.04
N TYR C 48 8.33 -8.40 -13.11
CA TYR C 48 7.13 -9.02 -13.65
C TYR C 48 7.38 -10.51 -13.89
N ASP C 49 6.29 -11.29 -13.86
CA ASP C 49 6.33 -12.72 -14.12
C ASP C 49 7.36 -13.41 -13.21
N ASP C 50 7.25 -13.12 -11.91
CA ASP C 50 8.07 -13.66 -10.84
C ASP C 50 9.50 -13.13 -10.80
N SER C 51 10.15 -13.03 -11.96
CA SER C 51 11.59 -12.79 -11.95
C SER C 51 12.11 -12.02 -13.16
N ASP C 52 11.28 -11.50 -14.04
CA ASP C 52 11.78 -10.68 -15.13
C ASP C 52 11.83 -9.20 -14.75
N ARG C 53 12.86 -8.53 -15.25
CA ARG C 53 13.14 -7.11 -14.98
C ARG C 53 12.73 -6.25 -16.15
N PRO C 54 11.89 -5.23 -15.99
CA PRO C 54 11.61 -4.32 -17.10
C PRO C 54 12.85 -3.52 -17.48
N SER C 55 12.89 -3.07 -18.74
CA SER C 55 13.97 -2.19 -19.22
C SER C 55 14.15 -0.99 -18.30
N GLY C 56 15.41 -0.68 -18.01
CA GLY C 56 15.72 0.43 -17.15
C GLY C 56 15.75 0.13 -15.68
N ILE C 57 15.30 -1.06 -15.25
CA ILE C 57 15.35 -1.38 -13.83
C ILE C 57 16.70 -1.99 -13.51
N PRO C 58 17.41 -1.48 -12.51
CA PRO C 58 18.74 -2.03 -12.19
C PRO C 58 18.71 -3.54 -11.90
N GLU C 59 19.80 -4.21 -12.26
N GLU C 59 19.79 -4.21 -12.27
CA GLU C 59 19.89 -5.65 -12.02
CA GLU C 59 19.94 -5.65 -12.03
C GLU C 59 19.88 -5.98 -10.53
C GLU C 59 19.95 -5.98 -10.53
N ARG C 60 20.13 -5.00 -9.66
CA ARG C 60 20.07 -5.20 -8.21
C ARG C 60 18.70 -5.70 -7.74
N PHE C 61 17.65 -5.41 -8.50
CA PHE C 61 16.28 -5.83 -8.17
C PHE C 61 16.04 -7.19 -8.82
N SER C 62 15.83 -8.23 -8.01
CA SER C 62 15.45 -9.49 -8.60
C SER C 62 14.36 -10.19 -7.79
N GLY C 63 13.46 -10.84 -8.50
CA GLY C 63 12.42 -11.57 -7.83
C GLY C 63 12.63 -13.05 -8.04
N SER C 64 12.04 -13.82 -7.13
CA SER C 64 12.08 -15.28 -7.20
C SER C 64 10.74 -15.81 -6.69
N ASN C 65 10.47 -17.07 -6.99
CA ASN C 65 9.24 -17.70 -6.56
C ASN C 65 9.55 -19.10 -6.09
N SER C 66 9.13 -19.43 -4.87
CA SER C 66 9.33 -20.75 -4.30
C SER C 66 8.03 -21.53 -4.25
N GLY C 67 7.13 -21.27 -5.18
CA GLY C 67 5.86 -21.98 -5.22
C GLY C 67 4.80 -21.34 -4.35
N ASP C 68 4.91 -21.47 -3.04
CA ASP C 68 3.92 -20.89 -2.14
C ASP C 68 4.26 -19.45 -1.72
N THR C 69 5.48 -18.98 -1.98
CA THR C 69 5.88 -17.63 -1.56
C THR C 69 6.73 -17.02 -2.65
N ALA C 70 6.71 -15.69 -2.72
CA ALA C 70 7.51 -14.95 -3.68
C ALA C 70 8.38 -13.96 -2.93
N THR C 71 9.57 -13.69 -3.45
CA THR C 71 10.52 -12.84 -2.75
C THR C 71 11.09 -11.79 -3.70
N LEU C 72 11.07 -10.55 -3.29
CA LEU C 72 11.81 -9.50 -4.00
C LEU C 72 13.10 -9.28 -3.23
N THR C 73 14.23 -9.40 -3.93
CA THR C 73 15.55 -9.22 -3.32
C THR C 73 16.19 -7.97 -3.92
N ILE C 74 16.57 -7.02 -3.06
CA ILE C 74 17.25 -5.82 -3.51
C ILE C 74 18.67 -5.87 -2.96
N SER C 75 19.63 -6.20 -3.83
CA SER C 75 21.03 -6.27 -3.50
C SER C 75 21.67 -4.90 -3.51
N ARG C 76 22.75 -4.74 -2.73
CA ARG C 76 23.52 -3.50 -2.67
C ARG C 76 22.60 -2.27 -2.57
N VAL C 77 21.81 -2.25 -1.49
CA VAL C 77 20.74 -1.27 -1.33
C VAL C 77 21.29 0.16 -1.31
N GLU C 78 20.54 1.09 -1.91
CA GLU C 78 20.90 2.50 -1.97
C GLU C 78 19.79 3.30 -1.31
N VAL C 79 20.08 4.54 -0.89
CA VAL C 79 19.04 5.31 -0.23
C VAL C 79 17.88 5.60 -1.20
N GLY C 80 18.14 5.62 -2.51
CA GLY C 80 17.09 5.78 -3.49
C GLY C 80 16.10 4.63 -3.54
N ASP C 81 16.44 3.48 -2.97
CA ASP C 81 15.53 2.34 -2.91
C ASP C 81 14.56 2.42 -1.74
N GLU C 82 14.69 3.40 -0.85
CA GLU C 82 13.69 3.61 0.19
C GLU C 82 12.32 3.89 -0.43
N ALA C 83 11.36 3.00 -0.22
CA ALA C 83 10.05 3.08 -0.85
C ALA C 83 9.15 2.04 -0.21
N ASP C 84 7.89 2.05 -0.62
CA ASP C 84 6.96 0.97 -0.33
C ASP C 84 6.94 0.01 -1.53
N TYR C 85 7.06 -1.30 -1.28
CA TYR C 85 7.05 -2.29 -2.34
C TYR C 85 5.79 -3.15 -2.22
N TYR C 86 5.10 -3.35 -3.34
CA TYR C 86 3.86 -4.12 -3.38
C TYR C 86 4.02 -5.30 -4.30
N CYS C 87 3.63 -6.48 -3.84
CA CYS C 87 3.49 -7.61 -4.76
C CYS C 87 2.05 -7.65 -5.27
N GLN C 88 1.85 -8.38 -6.35
CA GLN C 88 0.56 -8.34 -7.03
C GLN C 88 0.37 -9.64 -7.81
N VAL C 89 -0.86 -10.15 -7.79
N VAL C 89 -0.85 -10.18 -7.76
CA VAL C 89 -1.18 -11.41 -8.45
CA VAL C 89 -1.19 -11.43 -8.42
C VAL C 89 -2.61 -11.29 -8.98
C VAL C 89 -2.61 -11.32 -8.95
N TRP C 90 -2.92 -12.07 -10.00
CA TRP C 90 -4.31 -12.25 -10.40
C TRP C 90 -4.90 -13.30 -9.45
N ASP C 91 -5.97 -12.96 -8.75
CA ASP C 91 -6.55 -13.89 -7.79
C ASP C 91 -7.60 -14.73 -8.50
N ILE C 92 -7.27 -16.00 -8.76
CA ILE C 92 -8.19 -16.91 -9.43
C ILE C 92 -9.50 -17.02 -8.67
N ASP C 93 -9.42 -17.16 -7.36
CA ASP C 93 -10.60 -17.53 -6.59
C ASP C 93 -11.62 -16.41 -6.50
N SER C 94 -11.23 -15.17 -6.77
CA SER C 94 -12.19 -14.08 -6.76
C SER C 94 -12.22 -13.22 -8.01
N ASP C 95 -11.42 -13.53 -9.05
CA ASP C 95 -11.48 -12.81 -10.32
C ASP C 95 -11.06 -11.34 -10.16
N HIS C 96 -10.02 -11.10 -9.41
CA HIS C 96 -9.57 -9.77 -9.03
C HIS C 96 -8.07 -9.75 -9.26
N VAL C 97 -7.54 -8.61 -9.73
CA VAL C 97 -6.15 -8.28 -9.42
C VAL C 97 -6.10 -7.94 -7.93
N VAL C 98 -5.14 -8.53 -7.20
CA VAL C 98 -4.97 -8.20 -5.79
C VAL C 98 -3.52 -7.80 -5.54
N PHE C 99 -3.33 -6.86 -4.61
CA PHE C 99 -2.02 -6.40 -4.17
C PHE C 99 -1.78 -6.84 -2.74
N GLY C 100 -0.51 -7.09 -2.41
CA GLY C 100 -0.13 -7.24 -1.02
C GLY C 100 -0.34 -5.96 -0.27
N GLY C 101 -0.31 -6.05 1.06
CA GLY C 101 -0.48 -4.88 1.90
C GLY C 101 0.66 -3.85 1.81
N GLY C 102 1.79 -4.23 1.21
CA GLY C 102 2.90 -3.30 1.08
C GLY C 102 3.96 -3.48 2.15
N THR C 103 5.24 -3.33 1.77
CA THR C 103 6.37 -3.37 2.70
C THR C 103 7.13 -2.06 2.62
N LYS C 104 7.24 -1.37 3.75
CA LYS C 104 8.01 -0.14 3.83
C LYS C 104 9.47 -0.50 4.03
N VAL C 105 10.31 -0.24 3.02
CA VAL C 105 11.75 -0.48 3.11
C VAL C 105 12.41 0.82 3.55
N THR C 106 12.95 0.83 4.76
CA THR C 106 13.73 1.96 5.26
C THR C 106 15.21 1.70 5.02
N VAL C 107 15.88 2.64 4.39
CA VAL C 107 17.32 2.55 4.16
C VAL C 107 18.00 3.54 5.12
N LEU C 108 18.87 3.02 5.97
CA LEU C 108 19.50 3.81 7.03
C LEU C 108 20.77 4.48 6.51
N GLY C 109 20.59 5.61 5.83
CA GLY C 109 21.70 6.36 5.28
C GLY C 109 22.22 7.53 6.09
N GLN C 110 21.76 7.70 7.32
CA GLN C 110 22.11 8.81 8.20
C GLN C 110 22.32 8.24 9.59
N PRO C 111 23.10 8.91 10.43
CA PRO C 111 23.19 8.48 11.83
C PRO C 111 21.88 8.71 12.57
N LYS C 112 21.64 7.87 13.57
CA LYS C 112 20.43 8.03 14.37
C LYS C 112 20.44 9.38 15.08
N ALA C 113 19.27 10.04 15.11
CA ALA C 113 19.10 11.31 15.80
C ALA C 113 17.84 11.26 16.65
N ALA C 114 17.98 11.57 17.92
CA ALA C 114 16.84 11.51 18.83
C ALA C 114 15.92 12.71 18.60
N PRO C 115 14.63 12.54 18.83
CA PRO C 115 13.69 13.65 18.62
C PRO C 115 13.82 14.74 19.67
N SER C 116 13.58 15.97 19.23
CA SER C 116 13.36 17.11 20.11
C SER C 116 11.87 17.21 20.39
N VAL C 117 11.50 17.43 21.65
CA VAL C 117 10.10 17.39 22.04
C VAL C 117 9.74 18.68 22.78
N THR C 118 8.73 19.38 22.28
CA THR C 118 8.18 20.57 22.93
C THR C 118 6.72 20.30 23.26
N LEU C 119 6.35 20.48 24.54
CA LEU C 119 5.01 20.19 25.01
C LEU C 119 4.38 21.46 25.56
N PHE C 120 3.15 21.79 25.04
CA PHE C 120 2.39 22.97 25.42
C PHE C 120 1.15 22.60 26.23
N PRO C 121 0.88 23.31 27.31
CA PRO C 121 -0.37 23.10 28.06
C PRO C 121 -1.54 23.80 27.37
N PRO C 122 -2.78 23.53 27.78
CA PRO C 122 -3.90 24.31 27.24
C PRO C 122 -3.69 25.78 27.54
N SER C 123 -4.01 26.64 26.58
CA SER C 123 -3.96 28.07 26.85
C SER C 123 -5.13 28.44 27.76
N SER C 124 -4.97 29.55 28.49
CA SER C 124 -6.10 30.04 29.26
C SER C 124 -7.27 30.36 28.35
N GLU C 125 -6.99 30.87 27.15
CA GLU C 125 -8.07 31.23 26.24
C GLU C 125 -8.93 30.01 25.91
N GLU C 126 -8.28 28.89 25.56
CA GLU C 126 -9.02 27.68 25.26
C GLU C 126 -9.78 27.16 26.47
N LEU C 127 -9.18 27.26 27.65
CA LEU C 127 -9.83 26.76 28.85
C LEU C 127 -11.12 27.51 29.12
N GLN C 128 -11.09 28.83 28.99
CA GLN C 128 -12.30 29.63 29.16
C GLN C 128 -13.37 29.29 28.13
N ALA C 129 -13.02 28.51 27.10
CA ALA C 129 -14.00 28.03 26.15
C ALA C 129 -14.45 26.60 26.44
N ASN C 130 -14.16 26.10 27.65
CA ASN C 130 -14.52 24.73 28.06
CA ASN C 130 -14.50 24.73 28.07
C ASN C 130 -13.84 23.67 27.21
N LYS C 131 -12.64 23.95 26.70
CA LYS C 131 -11.87 22.95 25.97
C LYS C 131 -10.43 22.98 26.47
N ALA C 132 -9.69 21.91 26.16
CA ALA C 132 -8.31 21.78 26.59
C ALA C 132 -7.57 20.93 25.57
N THR C 133 -6.48 21.46 25.04
CA THR C 133 -5.65 20.73 24.09
C THR C 133 -4.19 20.81 24.52
N LEU C 134 -3.58 19.65 24.67
CA LEU C 134 -2.16 19.48 24.90
C LEU C 134 -1.49 19.27 23.56
N VAL C 135 -0.42 20.02 23.27
CA VAL C 135 0.21 19.97 21.96
C VAL C 135 1.66 19.54 22.14
N CYS C 136 2.00 18.39 21.55
CA CYS C 136 3.33 17.79 21.65
C CYS C 136 3.95 17.80 20.26
N LEU C 137 4.98 18.63 20.07
CA LEU C 137 5.64 18.84 18.80
C LEU C 137 6.99 18.13 18.80
N ILE C 138 7.20 17.25 17.82
CA ILE C 138 8.33 16.33 17.78
C ILE C 138 9.11 16.59 16.51
N SER C 139 10.42 16.83 16.62
CA SER C 139 11.18 17.27 15.45
C SER C 139 12.59 16.71 15.45
N ASP C 140 13.17 16.70 14.24
CA ASP C 140 14.60 16.41 14.02
C ASP C 140 14.99 14.99 14.40
N PHE C 141 14.09 14.01 14.24
CA PHE C 141 14.48 12.64 14.51
C PHE C 141 14.77 11.90 13.22
N TYR C 142 15.65 10.90 13.33
CA TYR C 142 16.00 10.05 12.22
C TYR C 142 16.40 8.71 12.86
N PRO C 143 15.91 7.57 12.34
CA PRO C 143 15.02 7.42 11.19
C PRO C 143 13.60 7.85 11.50
N GLY C 144 12.73 7.88 10.48
CA GLY C 144 11.46 8.57 10.60
C GLY C 144 10.31 7.76 11.17
N ALA C 145 10.42 7.31 12.42
CA ALA C 145 9.35 6.58 13.07
C ALA C 145 9.42 6.83 14.56
N VAL C 146 8.30 7.23 15.17
CA VAL C 146 8.20 7.34 16.62
C VAL C 146 6.90 6.72 17.11
N THR C 147 6.87 6.42 18.40
CA THR C 147 5.63 6.05 19.08
C THR C 147 5.43 6.98 20.26
N VAL C 148 4.22 7.53 20.36
CA VAL C 148 3.86 8.52 21.37
C VAL C 148 2.89 7.91 22.37
N ALA C 149 3.15 8.17 23.66
CA ALA C 149 2.33 7.70 24.76
C ALA C 149 2.09 8.86 25.70
N TRP C 150 0.82 9.09 26.05
CA TRP C 150 0.47 10.16 26.97
C TRP C 150 0.20 9.59 28.35
N LYS C 151 0.51 10.36 29.37
CA LYS C 151 0.30 9.91 30.74
C LYS C 151 -0.41 11.00 31.54
N ALA C 152 -1.51 10.64 32.19
CA ALA C 152 -2.13 11.48 33.21
C ALA C 152 -1.49 11.15 34.55
N ASP C 153 -0.87 12.15 35.19
CA ASP C 153 0.09 11.91 36.25
C ASP C 153 1.08 10.88 35.78
N SER C 154 0.91 9.62 36.19
CA SER C 154 1.72 8.54 35.66
C SER C 154 0.88 7.37 35.18
N SER C 155 -0.39 7.62 34.83
CA SER C 155 -1.26 6.58 34.30
C SER C 155 -1.44 6.74 32.79
N PRO C 156 -1.45 5.64 32.03
CA PRO C 156 -1.64 5.76 30.58
C PRO C 156 -2.98 6.38 30.23
N VAL C 157 -3.05 7.05 29.09
N VAL C 157 -3.03 7.02 29.07
CA VAL C 157 -4.31 7.61 28.60
CA VAL C 157 -4.21 7.69 28.53
C VAL C 157 -4.36 7.45 27.09
C VAL C 157 -4.26 7.37 27.04
N LYS C 158 -5.26 6.60 26.61
CA LYS C 158 -5.40 6.32 25.19
C LYS C 158 -6.48 7.14 24.52
N ALA C 159 -7.52 7.52 25.25
CA ALA C 159 -8.64 8.25 24.68
C ALA C 159 -8.25 9.71 24.45
N GLY C 160 -8.72 10.26 23.33
CA GLY C 160 -8.53 11.66 23.03
C GLY C 160 -7.22 12.01 22.36
N VAL C 161 -6.51 11.01 21.84
CA VAL C 161 -5.17 11.19 21.30
C VAL C 161 -5.23 11.14 19.78
N GLU C 162 -4.69 12.16 19.13
CA GLU C 162 -4.57 12.19 17.67
C GLU C 162 -3.10 12.48 17.35
N THR C 163 -2.44 11.55 16.67
CA THR C 163 -1.02 11.68 16.32
C THR C 163 -0.85 11.65 14.82
N THR C 164 -0.04 12.58 14.32
CA THR C 164 0.20 12.63 12.89
C THR C 164 1.19 11.56 12.47
N THR C 165 1.19 11.29 11.19
CA THR C 165 2.23 10.57 10.53
C THR C 165 3.51 11.42 10.50
N PRO C 166 4.69 10.79 10.51
CA PRO C 166 5.93 11.58 10.43
C PRO C 166 6.15 12.10 9.02
N SER C 167 6.72 13.31 8.93
CA SER C 167 6.98 13.92 7.64
C SER C 167 8.43 14.39 7.55
N LYS C 168 8.99 14.32 6.35
CA LYS C 168 10.39 14.68 6.14
C LYS C 168 10.55 16.20 6.12
N GLN C 169 11.47 16.71 6.94
CA GLN C 169 11.85 18.12 6.96
C GLN C 169 12.91 18.38 5.89
N SER C 170 13.16 19.67 5.61
CA SER C 170 14.14 20.00 4.57
C SER C 170 15.55 19.58 4.95
N ASN C 171 15.83 19.40 6.23
CA ASN C 171 17.12 18.86 6.64
C ASN C 171 17.17 17.33 6.59
N ASN C 172 16.17 16.69 6.00
CA ASN C 172 16.13 15.24 5.78
C ASN C 172 15.96 14.46 7.07
N LYS C 173 15.70 15.12 8.19
CA LYS C 173 15.20 14.47 9.39
C LYS C 173 13.68 14.59 9.39
N TYR C 174 13.03 14.11 10.44
CA TYR C 174 11.58 13.98 10.44
C TYR C 174 10.93 14.73 11.59
N ALA C 175 9.66 15.11 11.38
CA ALA C 175 8.83 15.78 12.39
C ALA C 175 7.48 15.09 12.51
N ALA C 176 6.88 15.20 13.69
CA ALA C 176 5.48 14.80 13.88
C ALA C 176 4.92 15.60 15.06
N SER C 177 3.61 15.48 15.26
CA SER C 177 2.96 16.14 16.38
C SER C 177 1.85 15.25 16.91
N SER C 178 1.54 15.43 18.20
CA SER C 178 0.49 14.68 18.87
C SER C 178 -0.35 15.60 19.75
N TYR C 179 -1.66 15.36 19.75
CA TYR C 179 -2.65 16.19 20.42
C TYR C 179 -3.45 15.34 21.38
N LEU C 180 -3.50 15.75 22.65
CA LEU C 180 -4.33 15.12 23.66
C LEU C 180 -5.45 16.07 24.06
N SER C 181 -6.70 15.67 23.82
CA SER C 181 -7.88 16.45 24.17
C SER C 181 -8.42 16.02 25.53
N LEU C 182 -8.70 17.02 26.37
CA LEU C 182 -9.24 16.78 27.70
C LEU C 182 -10.38 17.76 27.94
N THR C 183 -11.08 17.54 29.00
CA THR C 183 -11.96 18.58 29.51
C THR C 183 -11.18 19.45 30.50
N PRO C 184 -11.57 20.71 30.69
CA PRO C 184 -10.88 21.54 31.69
C PRO C 184 -10.83 20.91 33.07
N GLU C 185 -11.85 20.13 33.44
CA GLU C 185 -11.84 19.48 34.74
C GLU C 185 -10.81 18.36 34.80
N GLN C 186 -10.65 17.59 33.71
CA GLN C 186 -9.59 16.59 33.64
C GLN C 186 -8.22 17.25 33.81
N TRP C 187 -7.99 18.36 33.11
CA TRP C 187 -6.69 19.03 33.14
C TRP C 187 -6.33 19.52 34.53
N LYS C 188 -7.29 20.11 35.26
CA LYS C 188 -6.99 20.72 36.55
C LYS C 188 -6.98 19.73 37.71
N SER C 189 -7.63 18.57 37.56
CA SER C 189 -7.70 17.62 38.67
C SER C 189 -6.37 16.90 38.89
N HIS C 190 -5.55 16.74 37.84
CA HIS C 190 -4.30 16.02 37.89
C HIS C 190 -3.12 16.95 38.20
N ARG C 191 -2.04 16.38 38.76
CA ARG C 191 -0.85 17.16 39.06
C ARG C 191 -0.03 17.47 37.81
N SER C 192 -0.02 16.56 36.83
CA SER C 192 0.73 16.83 35.60
C SER C 192 0.25 15.92 34.49
N TYR C 193 0.58 16.31 33.26
CA TYR C 193 0.42 15.45 32.09
C TYR C 193 1.77 15.32 31.39
N SER C 194 1.95 14.20 30.70
CA SER C 194 3.24 13.92 30.09
C SER C 194 3.05 13.37 28.68
N CYS C 195 3.92 13.83 27.79
CA CYS C 195 4.04 13.33 26.42
C CYS C 195 5.34 12.54 26.36
N GLN C 196 5.25 11.22 26.18
CA GLN C 196 6.43 10.38 26.11
C GLN C 196 6.59 9.89 24.68
N VAL C 197 7.73 10.22 24.07
CA VAL C 197 8.01 9.90 22.68
C VAL C 197 9.12 8.85 22.66
N THR C 198 8.86 7.69 22.07
CA THR C 198 9.85 6.64 21.98
C THR C 198 10.37 6.54 20.55
N HIS C 199 11.69 6.51 20.42
CA HIS C 199 12.37 6.51 19.14
C HIS C 199 13.51 5.54 19.27
N GLU C 200 13.46 4.46 18.50
CA GLU C 200 14.51 3.44 18.52
C GLU C 200 14.82 3.02 19.95
N GLY C 201 13.76 2.71 20.70
CA GLY C 201 13.88 2.14 22.02
C GLY C 201 14.30 3.09 23.12
N SER C 202 14.46 4.38 22.82
CA SER C 202 14.79 5.37 23.82
C SER C 202 13.66 6.38 23.90
N THR C 203 13.24 6.71 25.12
CA THR C 203 12.10 7.60 25.34
C THR C 203 12.57 9.00 25.74
N VAL C 204 11.99 10.02 25.10
CA VAL C 204 12.15 11.40 25.48
C VAL C 204 10.80 11.88 26.00
N GLU C 205 10.75 12.35 27.24
CA GLU C 205 9.50 12.70 27.90
C GLU C 205 9.48 14.17 28.25
N LYS C 206 8.32 14.81 28.07
CA LYS C 206 8.09 16.18 28.48
C LYS C 206 6.82 16.23 29.32
N THR C 207 6.77 17.17 30.27
CA THR C 207 5.70 17.21 31.27
C THR C 207 5.22 18.64 31.48
N VAL C 208 3.90 18.83 31.68
CA VAL C 208 3.33 20.14 31.99
C VAL C 208 2.32 20.02 33.14
N ALA C 209 2.16 21.10 33.89
CA ALA C 209 1.27 21.16 35.03
C ALA C 209 0.37 22.39 34.97
N PRO C 210 -0.85 22.29 35.52
CA PRO C 210 -1.72 23.47 35.68
C PRO C 210 -1.04 24.59 36.45
C1 GOL D . 15.07 -29.77 -13.07
O1 GOL D . 15.78 -30.46 -14.09
C2 GOL D . 16.02 -28.68 -12.51
O2 GOL D . 15.36 -27.45 -12.28
C3 GOL D . 16.47 -29.29 -11.23
O3 GOL D . 15.56 -28.78 -10.32
C1 GOL E . -3.00 -28.76 -17.91
O1 GOL E . -4.38 -28.53 -17.92
C2 GOL E . -2.82 -30.27 -17.63
O2 GOL E . -1.47 -30.59 -17.36
C3 GOL E . -3.68 -30.52 -16.41
O3 GOL E . -2.80 -30.58 -15.34
C1 GOL F . -6.57 -38.64 -31.81
O1 GOL F . -7.71 -38.51 -32.60
C2 GOL F . -5.75 -39.82 -32.41
O2 GOL F . -4.82 -40.33 -31.50
C3 GOL F . -6.80 -40.91 -32.89
O3 GOL F . -6.07 -42.02 -33.43
C1 GOL G . 1.35 -2.04 -23.09
O1 GOL G . 0.14 -2.32 -22.46
C2 GOL G . 1.13 -0.62 -23.66
O2 GOL G . 1.33 0.36 -22.70
C3 GOL G . 2.11 -0.48 -24.89
O3 GOL G . 3.32 0.08 -24.43
C1 PEG H . 2.83 0.43 2.43
O1 PEG H . 3.54 -0.43 3.30
C2 PEG H . 1.36 0.45 2.74
O2 PEG H . 1.16 0.68 4.12
C3 PEG H . -0.22 0.60 4.48
C4 PEG H . -0.39 -0.13 5.78
O4 PEG H . -1.77 -0.40 6.02
C1 GOL I . 7.66 -5.81 -20.00
O1 GOL I . 7.38 -5.46 -21.32
C2 GOL I . 8.25 -4.57 -19.36
O2 GOL I . 9.46 -4.20 -19.99
C3 GOL I . 7.11 -3.53 -19.50
O3 GOL I . 7.58 -2.32 -18.93
C1 PEG J . 13.34 -16.01 1.82
O1 PEG J . 12.84 -15.80 0.50
C2 PEG J . 14.25 -14.90 2.25
O2 PEG J . 13.49 -13.82 2.80
C3 PEG J . 13.23 -13.95 4.20
C4 PEG J . 12.71 -12.64 4.75
NA NA K . 16.81 1.61 12.95
#